data_5FRU
#
_entry.id   5FRU
#
_cell.length_a   42.634
_cell.length_b   66.516
_cell.length_c   106.039
_cell.angle_alpha   90.00
_cell.angle_beta   90.00
_cell.angle_gamma   90.00
#
_symmetry.space_group_name_H-M   'P 21 21 21'
#
loop_
_entity.id
_entity.type
_entity.pdbx_description
1 polymer 'Positive phenol-degradative gene regulator'
2 non-polymer 'ZINC ION'
3 water water
#
_entity_poly.entity_id   1
_entity_poly.type   'polypeptide(L)'
_entity_poly.pdbx_seq_one_letter_code
;MSSSTDNFSATMRDGLSNLARRLRFAMKEGSIWLGEQRMILLHTAALGALRKELVDTLGMERARGLFMRMGFHSGVRDAE
LAKTMRSGHSDFGMLEMGPCLHTIEGVVRVTPLTVDINIAAGVYHGEFLWEDSFEGDVHRQMFGVAQAPVCWMQIGYATG
YTSALMGKTILYRELECVGCGHPHCRILGKPLEQWEDGEAELALYQPDPVI
;
_entity_poly.pdbx_strand_id   A,B
#
# COMPACT_ATOMS: atom_id res chain seq x y z
N ASP A 14 -7.61 24.51 -5.90
CA ASP A 14 -7.59 23.43 -4.91
C ASP A 14 -7.42 22.10 -5.68
N GLY A 15 -7.58 22.19 -6.99
CA GLY A 15 -7.46 21.05 -7.88
C GLY A 15 -8.46 19.96 -7.55
N LEU A 16 -9.65 20.38 -7.14
CA LEU A 16 -10.71 19.47 -6.70
C LEU A 16 -10.87 18.29 -7.65
N SER A 17 -10.50 18.50 -8.90
CA SER A 17 -10.42 17.40 -9.85
C SER A 17 -9.27 17.51 -10.86
N ASN A 18 -8.80 18.72 -11.19
CA ASN A 18 -7.73 18.85 -12.19
C ASN A 18 -6.72 17.71 -12.06
N LEU A 19 -6.49 17.35 -10.80
CA LEU A 19 -5.73 16.17 -10.43
C LEU A 19 -6.39 14.88 -10.92
N ALA A 20 -7.72 14.83 -10.88
CA ALA A 20 -8.43 13.57 -11.15
C ALA A 20 -8.15 13.03 -12.54
N ARG A 21 -7.84 13.92 -13.48
CA ARG A 21 -7.44 13.50 -14.83
C ARG A 21 -6.20 12.62 -14.77
N ARG A 22 -5.33 12.93 -13.80
CA ARG A 22 -4.05 12.26 -13.65
C ARG A 22 -4.17 10.86 -13.06
N LEU A 23 -5.34 10.54 -12.53
CA LEU A 23 -5.58 9.23 -11.94
C LEU A 23 -6.22 8.29 -12.95
N ARG A 24 -5.48 7.29 -13.41
CA ARG A 24 -6.00 6.37 -14.43
C ARG A 24 -5.87 4.91 -14.03
N PHE A 25 -6.99 4.19 -14.16
CA PHE A 25 -7.03 2.76 -13.90
C PHE A 25 -6.98 1.96 -15.20
N ALA A 26 -5.82 1.43 -15.53
CA ALA A 26 -5.68 0.59 -16.73
C ALA A 26 -5.88 -0.89 -16.39
N MET A 27 -7.09 -1.26 -16.00
CA MET A 27 -7.32 -2.57 -15.41
C MET A 27 -7.12 -3.70 -16.41
N LYS A 28 -7.23 -3.39 -17.71
CA LYS A 28 -6.96 -4.36 -18.76
C LYS A 28 -5.44 -4.57 -18.90
N GLU A 29 -4.67 -3.76 -18.18
CA GLU A 29 -3.22 -3.93 -18.15
C GLU A 29 -2.76 -4.24 -16.72
N GLY A 30 -3.71 -4.23 -15.81
CA GLY A 30 -3.42 -4.49 -14.41
C GLY A 30 -2.58 -3.40 -13.79
N SER A 31 -2.83 -2.16 -14.18
CA SER A 31 -2.05 -1.05 -13.63
C SER A 31 -2.89 0.19 -13.32
N ILE A 32 -2.41 0.94 -12.33
CA ILE A 32 -3.02 2.18 -11.87
C ILE A 32 -1.93 3.21 -11.88
N TRP A 33 -2.25 4.38 -12.42
CA TRP A 33 -1.27 5.46 -12.49
C TRP A 33 -1.86 6.71 -11.84
N LEU A 34 -1.04 7.38 -11.06
CA LEU A 34 -1.38 8.70 -10.56
C LEU A 34 -0.27 9.62 -11.00
N GLY A 35 -0.52 10.33 -12.08
CA GLY A 35 0.53 11.08 -12.75
C GLY A 35 1.47 10.07 -13.40
N GLU A 36 2.76 10.28 -13.25
CA GLU A 36 3.73 9.34 -13.82
C GLU A 36 4.05 8.19 -12.86
N GLN A 37 3.41 8.19 -11.70
CA GLN A 37 3.76 7.21 -10.67
C GLN A 37 2.83 6.00 -10.73
N ARG A 38 3.41 4.81 -10.72
CA ARG A 38 2.57 3.61 -10.62
C ARG A 38 2.03 3.48 -9.19
N MET A 39 0.76 3.11 -9.07
CA MET A 39 0.07 2.95 -7.79
C MET A 39 -0.47 1.53 -7.68
N ILE A 40 -0.61 1.01 -6.45
CA ILE A 40 -1.44 -0.16 -6.23
C ILE A 40 -2.53 0.16 -5.20
N LEU A 41 -3.62 -0.61 -5.23
CA LEU A 41 -4.59 -0.57 -4.15
C LEU A 41 -4.20 -1.63 -3.12
N LEU A 42 -3.99 -1.20 -1.89
CA LEU A 42 -3.47 -2.06 -0.85
C LEU A 42 -4.45 -2.05 0.29
N HIS A 43 -4.80 -3.23 0.81
CA HIS A 43 -5.71 -3.32 1.96
C HIS A 43 -5.10 -2.71 3.21
N THR A 44 -5.87 -1.93 3.94
CA THR A 44 -5.34 -1.34 5.16
C THR A 44 -5.00 -2.45 6.16
N ALA A 45 -5.71 -3.57 6.07
CA ALA A 45 -5.43 -4.74 6.91
C ALA A 45 -4.03 -5.31 6.67
N ALA A 46 -3.59 -5.30 5.42
CA ALA A 46 -2.27 -5.79 5.03
C ALA A 46 -1.18 -4.89 5.61
N LEU A 47 -1.41 -3.59 5.54
CA LEU A 47 -0.49 -2.61 6.10
C LEU A 47 -0.46 -2.75 7.61
N GLY A 48 -1.63 -3.06 8.18
CA GLY A 48 -1.72 -3.35 9.60
C GLY A 48 -0.85 -4.52 10.01
N ALA A 49 -0.88 -5.60 9.24
CA ALA A 49 -0.10 -6.78 9.58
C ALA A 49 1.38 -6.48 9.52
N LEU A 50 1.79 -5.75 8.49
CA LEU A 50 3.15 -5.27 8.38
C LEU A 50 3.57 -4.39 9.56
N ARG A 51 2.70 -3.46 9.91
CA ARG A 51 2.98 -2.58 11.03
C ARG A 51 3.22 -3.38 12.32
N LYS A 52 2.40 -4.39 12.57
CA LYS A 52 2.55 -5.14 13.82
C LYS A 52 3.86 -5.92 13.87
N GLU A 53 4.23 -6.55 12.75
CA GLU A 53 5.51 -7.26 12.69
C GLU A 53 6.74 -6.36 12.82
N LEU A 54 6.68 -5.17 12.22
CA LEU A 54 7.80 -4.24 12.33
C LEU A 54 7.99 -3.75 13.76
N VAL A 55 6.89 -3.38 14.41
CA VAL A 55 6.95 -2.92 15.79
C VAL A 55 7.46 -4.07 16.67
N ASP A 56 7.06 -5.29 16.36
CA ASP A 56 7.47 -6.42 17.19
C ASP A 56 8.92 -6.78 17.00
N THR A 57 9.43 -6.59 15.79
CA THR A 57 10.80 -6.94 15.47
C THR A 57 11.74 -5.76 15.72
N LEU A 58 11.34 -4.58 15.25
CA LEU A 58 12.21 -3.41 15.27
C LEU A 58 11.86 -2.45 16.39
N GLY A 59 10.88 -2.79 17.20
CA GLY A 59 10.42 -1.87 18.23
C GLY A 59 9.67 -0.69 17.64
N MET A 60 8.92 0.00 18.49
CA MET A 60 8.05 1.10 18.09
C MET A 60 8.79 2.25 17.40
N GLU A 61 9.96 2.59 17.90
CA GLU A 61 10.73 3.73 17.40
C GLU A 61 11.19 3.58 15.94
N ARG A 62 11.71 2.41 15.59
CA ARG A 62 12.15 2.18 14.22
C ARG A 62 11.00 1.99 13.26
N ALA A 63 9.97 1.30 13.72
CA ALA A 63 8.79 1.11 12.88
C ALA A 63 8.27 2.47 12.47
N ARG A 64 8.31 3.40 13.42
CA ARG A 64 7.80 4.75 13.18
C ARG A 64 8.63 5.46 12.09
N GLY A 65 9.95 5.40 12.22
CA GLY A 65 10.83 5.94 11.19
C GLY A 65 10.63 5.30 9.82
N LEU A 66 10.44 3.99 9.78
CA LEU A 66 10.20 3.30 8.51
C LEU A 66 8.94 3.80 7.81
N PHE A 67 7.85 3.92 8.57
CA PHE A 67 6.57 4.37 8.03
C PHE A 67 6.64 5.84 7.63
N MET A 68 7.30 6.65 8.45
CA MET A 68 7.44 8.07 8.14
C MET A 68 8.18 8.24 6.81
N ARG A 69 9.23 7.45 6.59
CA ARG A 69 10.00 7.57 5.35
C ARG A 69 9.19 7.10 4.15
N MET A 70 8.36 6.07 4.33
CA MET A 70 7.53 5.59 3.22
C MET A 70 6.55 6.69 2.82
N GLY A 71 5.93 7.31 3.82
CA GLY A 71 5.03 8.43 3.57
C GLY A 71 5.73 9.61 2.91
N PHE A 72 6.95 9.86 3.32
CA PHE A 72 7.75 10.94 2.75
C PHE A 72 7.97 10.71 1.26
N HIS A 73 8.28 9.48 0.86
CA HIS A 73 8.47 9.21 -0.57
C HIS A 73 7.19 9.42 -1.39
N SER A 74 6.05 8.98 -0.84
CA SER A 74 4.74 9.25 -1.43
C SER A 74 4.48 10.75 -1.58
N GLY A 75 4.71 11.49 -0.52
CA GLY A 75 4.48 12.93 -0.54
C GLY A 75 5.33 13.66 -1.56
N VAL A 76 6.61 13.32 -1.64
CA VAL A 76 7.50 13.94 -2.61
C VAL A 76 7.03 13.70 -4.06
N ARG A 77 6.64 12.45 -4.37
CA ARG A 77 6.10 12.11 -5.69
C ARG A 77 4.87 12.94 -6.04
N ASP A 78 3.95 13.10 -5.10
CA ASP A 78 2.73 13.84 -5.40
C ASP A 78 3.01 15.34 -5.56
N ALA A 79 4.02 15.84 -4.85
CA ALA A 79 4.47 17.24 -5.05
C ALA A 79 5.00 17.45 -6.48
N GLU A 80 5.76 16.47 -6.98
CA GLU A 80 6.26 16.53 -8.35
C GLU A 80 5.09 16.57 -9.35
N LEU A 81 4.06 15.76 -9.11
CA LEU A 81 2.82 15.83 -9.87
C LEU A 81 2.23 17.25 -9.84
N ALA A 82 1.99 17.76 -8.63
CA ALA A 82 1.38 19.08 -8.46
C ALA A 82 2.18 20.18 -9.14
N LYS A 83 3.51 20.07 -9.12
CA LYS A 83 4.37 21.11 -9.70
C LYS A 83 4.41 21.11 -11.22
N THR A 84 4.05 19.99 -11.85
CA THR A 84 3.98 19.96 -13.31
C THR A 84 2.77 20.78 -13.73
N MET A 85 1.69 20.67 -12.97
CA MET A 85 0.46 21.40 -13.26
C MET A 85 0.47 22.78 -12.62
N ARG A 86 1.55 23.52 -12.85
CA ARG A 86 1.68 24.87 -12.29
C ARG A 86 0.51 25.74 -12.70
N SER A 87 0.42 26.05 -13.99
CA SER A 87 -0.66 26.88 -14.50
C SER A 87 -0.88 28.11 -13.62
N GLY A 88 0.22 28.73 -13.20
CA GLY A 88 0.15 29.91 -12.37
C GLY A 88 -0.80 29.74 -11.19
N HIS A 89 -0.76 28.64 -10.43
CA HIS A 89 -1.60 28.34 -9.28
C HIS A 89 -1.11 29.07 -8.04
N SER A 90 -1.91 29.61 -7.29
CA SER A 90 -1.57 30.33 -6.06
C SER A 90 -0.81 29.44 -5.09
N ASP A 91 0.28 29.97 -4.54
CA ASP A 91 1.05 29.24 -3.55
C ASP A 91 0.05 28.43 -2.73
N PHE A 92 -1.11 29.03 -2.49
CA PHE A 92 -2.17 28.39 -1.74
C PHE A 92 -2.87 27.23 -2.43
N GLY A 93 -3.06 27.35 -3.75
CA GLY A 93 -3.70 26.30 -4.52
C GLY A 93 -2.82 25.07 -4.71
N MET A 94 -1.53 25.28 -4.92
CA MET A 94 -0.62 24.16 -5.04
C MET A 94 -0.50 23.39 -3.71
N LEU A 95 -0.44 24.12 -2.60
CA LEU A 95 -0.40 23.47 -1.29
C LEU A 95 -1.62 22.55 -1.13
N GLU A 96 -2.79 23.05 -1.44
CA GLU A 96 -4.01 22.29 -1.25
C GLU A 96 -4.15 21.06 -2.13
N MET A 97 -3.32 20.95 -3.16
CA MET A 97 -3.35 19.75 -3.96
C MET A 97 -2.87 18.55 -3.14
N GLY A 98 -2.02 18.82 -2.15
CA GLY A 98 -1.54 17.81 -1.22
C GLY A 98 -2.68 17.17 -0.45
N PRO A 99 -3.43 17.97 0.32
CA PRO A 99 -4.63 17.42 0.98
C PRO A 99 -5.57 16.72 0.01
N CYS A 100 -5.74 17.23 -1.22
CA CYS A 100 -6.66 16.56 -2.15
C CYS A 100 -6.15 15.18 -2.54
N LEU A 101 -4.87 15.09 -2.90
CA LEU A 101 -4.31 13.80 -3.33
C LEU A 101 -4.35 12.79 -2.19
N HIS A 102 -4.14 13.27 -0.97
CA HIS A 102 -4.13 12.39 0.21
C HIS A 102 -5.54 11.82 0.38
N THR A 103 -6.54 12.66 0.13
CA THR A 103 -7.94 12.25 0.22
C THR A 103 -8.34 11.32 -0.93
N ILE A 104 -7.90 11.65 -2.14
CA ILE A 104 -8.15 10.84 -3.33
C ILE A 104 -7.52 9.45 -3.18
N GLU A 105 -6.40 9.39 -2.48
CA GLU A 105 -5.69 8.12 -2.27
C GLU A 105 -6.33 7.29 -1.15
N GLY A 106 -7.41 7.82 -0.56
CA GLY A 106 -8.17 7.13 0.48
C GLY A 106 -7.51 7.11 1.84
N VAL A 107 -6.58 8.03 2.08
CA VAL A 107 -5.77 7.97 3.28
C VAL A 107 -6.46 8.66 4.45
N VAL A 108 -7.07 9.80 4.18
CA VAL A 108 -7.60 10.63 5.23
C VAL A 108 -8.46 11.72 4.58
N ARG A 109 -9.41 12.26 5.31
CA ARG A 109 -10.18 13.40 4.84
C ARG A 109 -9.65 14.68 5.50
N VAL A 110 -9.10 15.58 4.70
CA VAL A 110 -8.35 16.72 5.21
C VAL A 110 -9.14 18.02 5.12
N THR A 111 -9.17 18.77 6.22
CA THR A 111 -9.72 20.13 6.21
C THR A 111 -8.69 21.12 6.70
N PRO A 112 -8.22 22.00 5.80
CA PRO A 112 -7.28 23.06 6.20
C PRO A 112 -7.93 23.96 7.24
N LEU A 113 -7.26 24.18 8.37
CA LEU A 113 -7.78 25.08 9.40
C LEU A 113 -7.24 26.48 9.18
N THR A 114 -5.91 26.58 9.18
CA THR A 114 -5.24 27.84 8.91
C THR A 114 -3.92 27.55 8.19
N VAL A 115 -3.69 28.28 7.10
CA VAL A 115 -2.53 28.05 6.25
C VAL A 115 -1.88 29.35 5.85
N ASP A 116 -0.65 29.54 6.30
CA ASP A 116 0.12 30.72 6.01
C ASP A 116 1.31 30.32 5.15
N ILE A 117 1.34 30.74 3.89
CA ILE A 117 2.36 30.24 2.98
C ILE A 117 2.87 31.26 1.96
N ASN A 118 4.19 31.29 1.78
CA ASN A 118 4.78 32.01 0.68
C ASN A 118 6.02 31.26 0.21
N ILE A 119 5.92 30.60 -0.94
CA ILE A 119 6.97 29.69 -1.38
C ILE A 119 8.28 30.40 -1.65
N ALA A 120 8.23 31.54 -2.34
CA ALA A 120 9.43 32.31 -2.63
C ALA A 120 10.14 32.79 -1.37
N ALA A 121 9.38 33.05 -0.31
CA ALA A 121 9.98 33.53 0.94
C ALA A 121 10.47 32.41 1.86
N GLY A 122 10.04 31.19 1.60
CA GLY A 122 10.41 30.10 2.49
C GLY A 122 9.56 30.12 3.75
N VAL A 123 8.38 30.71 3.65
CA VAL A 123 7.48 30.82 4.79
C VAL A 123 6.31 29.83 4.73
N TYR A 124 6.18 29.02 5.77
CA TYR A 124 5.06 28.11 5.85
C TYR A 124 4.65 27.82 7.29
N HIS A 125 3.38 28.01 7.57
CA HIS A 125 2.77 27.51 8.79
C HIS A 125 1.41 26.97 8.41
N GLY A 126 1.15 25.69 8.65
CA GLY A 126 -0.12 25.13 8.26
C GLY A 126 -0.69 24.27 9.36
N GLU A 127 -2.00 24.38 9.60
CA GLU A 127 -2.68 23.51 10.55
C GLU A 127 -3.89 22.88 9.87
N PHE A 128 -4.10 21.59 10.11
CA PHE A 128 -5.09 20.84 9.37
C PHE A 128 -5.88 19.90 10.27
N LEU A 129 -7.13 19.66 9.88
CA LEU A 129 -7.99 18.65 10.50
C LEU A 129 -7.94 17.35 9.71
N TRP A 130 -7.67 16.23 10.38
CA TRP A 130 -7.74 14.90 9.74
C TRP A 130 -8.92 14.10 10.25
N GLU A 131 -9.82 13.72 9.35
CA GLU A 131 -10.93 12.85 9.71
C GLU A 131 -10.81 11.50 9.00
N ASP A 132 -11.19 10.43 9.70
CA ASP A 132 -11.15 9.08 9.15
C ASP A 132 -9.74 8.64 8.76
N SER A 133 -8.73 9.04 9.54
CA SER A 133 -7.35 8.66 9.22
C SER A 133 -7.23 7.16 9.13
N PHE A 134 -6.76 6.64 7.99
CA PHE A 134 -6.70 5.18 7.87
C PHE A 134 -5.70 4.62 8.87
N GLU A 135 -4.60 5.33 9.05
CA GLU A 135 -3.49 4.81 9.84
C GLU A 135 -3.85 4.71 11.31
N GLY A 136 -4.51 5.73 11.83
CA GLY A 136 -4.83 5.74 13.25
C GLY A 136 -5.81 4.61 13.53
N ASP A 137 -6.75 4.43 12.62
CA ASP A 137 -7.73 3.38 12.76
C ASP A 137 -7.04 2.01 12.69
N VAL A 138 -6.18 1.83 11.70
CA VAL A 138 -5.36 0.62 11.56
C VAL A 138 -4.50 0.32 12.80
N HIS A 139 -3.90 1.35 13.37
CA HIS A 139 -3.06 1.18 14.55
C HIS A 139 -3.92 0.70 15.72
N ARG A 140 -5.10 1.29 15.86
CA ARG A 140 -6.03 0.88 16.92
C ARG A 140 -6.41 -0.59 16.77
N GLN A 141 -6.62 -1.04 15.54
CA GLN A 141 -6.98 -2.42 15.30
C GLN A 141 -5.85 -3.37 15.70
N MET A 142 -4.61 -3.02 15.37
CA MET A 142 -3.50 -3.92 15.68
C MET A 142 -3.03 -3.82 17.13
N PHE A 143 -3.26 -2.66 17.75
CA PHE A 143 -2.60 -2.33 19.00
C PHE A 143 -3.53 -1.85 20.11
N GLY A 144 -4.79 -1.58 19.77
CA GLY A 144 -5.65 -0.80 20.66
C GLY A 144 -5.22 0.65 20.60
N VAL A 145 -5.93 1.53 21.33
CA VAL A 145 -5.55 2.94 21.41
C VAL A 145 -4.12 3.13 21.89
N ALA A 146 -3.42 4.06 21.25
CA ALA A 146 -2.01 4.31 21.52
C ALA A 146 -1.83 5.40 22.55
N GLN A 147 -0.62 5.56 23.03
CA GLN A 147 -0.39 6.55 24.06
C GLN A 147 0.15 7.87 23.50
N ALA A 148 0.65 7.83 22.26
CA ALA A 148 1.11 9.03 21.55
C ALA A 148 0.53 8.97 20.12
N PRO A 149 0.52 10.10 19.40
CA PRO A 149 -0.04 10.07 18.03
C PRO A 149 0.61 8.98 17.16
N VAL A 150 -0.12 8.40 16.22
CA VAL A 150 0.47 7.28 15.49
C VAL A 150 0.33 7.30 13.97
N CYS A 151 -0.09 8.42 13.38
CA CYS A 151 -0.26 8.44 11.92
C CYS A 151 1.09 8.75 11.25
N TRP A 152 2.01 7.82 11.44
CA TRP A 152 3.39 7.97 10.99
C TRP A 152 3.49 8.19 9.48
N MET A 153 2.89 7.30 8.69
CA MET A 153 2.98 7.41 7.23
C MET A 153 2.26 8.67 6.74
N GLN A 154 1.17 9.03 7.40
CA GLN A 154 0.42 10.21 6.99
C GLN A 154 1.19 11.49 7.28
N ILE A 155 1.89 11.53 8.41
CA ILE A 155 2.72 12.68 8.76
C ILE A 155 3.90 12.74 7.79
N GLY A 156 4.46 11.58 7.48
CA GLY A 156 5.53 11.47 6.51
C GLY A 156 5.16 12.09 5.17
N TYR A 157 3.97 11.76 4.68
CA TYR A 157 3.43 12.36 3.45
C TYR A 157 3.34 13.88 3.52
N ALA A 158 2.72 14.42 4.56
CA ALA A 158 2.56 15.87 4.63
C ALA A 158 3.92 16.55 4.61
N THR A 159 4.86 16.03 5.40
CA THR A 159 6.27 16.47 5.40
C THR A 159 6.91 16.40 4.01
N GLY A 160 6.77 15.26 3.33
CA GLY A 160 7.38 15.11 2.01
C GLY A 160 6.82 16.03 0.95
N TYR A 161 5.49 16.12 0.91
CA TYR A 161 4.83 16.94 -0.07
C TYR A 161 5.17 18.42 0.12
N THR A 162 5.04 18.87 1.37
CA THR A 162 5.19 20.29 1.62
C THR A 162 6.67 20.68 1.47
N SER A 163 7.58 19.80 1.88
CA SER A 163 9.02 20.06 1.73
C SER A 163 9.42 20.16 0.25
N ALA A 164 8.91 19.24 -0.57
CA ALA A 164 9.22 19.25 -2.00
C ALA A 164 8.59 20.46 -2.66
N LEU A 165 7.39 20.83 -2.21
CA LEU A 165 6.72 22.01 -2.72
C LEU A 165 7.48 23.30 -2.39
N MET A 166 7.99 23.37 -1.17
CA MET A 166 8.62 24.59 -0.67
C MET A 166 10.10 24.66 -1.04
N GLY A 167 10.65 23.52 -1.42
CA GLY A 167 12.09 23.40 -1.67
C GLY A 167 12.88 23.57 -0.37
N LYS A 168 12.21 23.39 0.77
CA LYS A 168 12.91 23.41 2.06
C LYS A 168 12.18 22.51 3.03
N THR A 169 12.89 22.07 4.07
CA THR A 169 12.32 21.09 4.99
C THR A 169 11.24 21.69 5.88
N ILE A 170 10.04 21.18 5.72
CA ILE A 170 8.87 21.53 6.55
C ILE A 170 8.52 20.27 7.30
N LEU A 171 8.56 20.28 8.64
CA LEU A 171 8.18 19.08 9.41
C LEU A 171 6.79 19.23 10.02
N TYR A 172 6.03 18.12 10.05
CA TYR A 172 4.69 18.09 10.64
C TYR A 172 4.69 17.25 11.89
N ARG A 173 3.80 17.58 12.81
CA ARG A 173 3.56 16.75 13.99
C ARG A 173 2.07 16.73 14.28
N GLU A 174 1.58 15.65 14.87
CA GLU A 174 0.18 15.58 15.25
C GLU A 174 -0.03 16.17 16.64
N LEU A 175 -1.05 17.01 16.78
CA LEU A 175 -1.35 17.61 18.09
C LEU A 175 -2.36 16.75 18.82
N GLU A 176 -3.23 16.12 18.04
CA GLU A 176 -4.12 15.08 18.56
C GLU A 176 -4.31 14.01 17.49
N CYS A 177 -4.82 12.84 17.87
CA CYS A 177 -4.80 11.70 16.97
C CYS A 177 -5.86 10.66 17.36
N VAL A 178 -6.60 10.19 16.36
CA VAL A 178 -7.58 9.15 16.58
C VAL A 178 -6.92 7.89 17.11
N GLY A 179 -5.63 7.72 16.82
CA GLY A 179 -4.93 6.53 17.27
C GLY A 179 -4.75 6.52 18.77
N CYS A 180 -4.91 7.71 19.35
CA CYS A 180 -4.83 7.96 20.79
C CYS A 180 -6.17 7.97 21.47
N GLY A 181 -7.22 7.71 20.70
CA GLY A 181 -8.56 7.79 21.23
C GLY A 181 -9.16 9.19 21.15
N HIS A 182 -8.48 10.09 20.45
CA HIS A 182 -9.06 11.41 20.15
C HIS A 182 -10.06 11.22 19.01
N PRO A 183 -11.02 12.15 18.85
CA PRO A 183 -12.07 11.92 17.86
C PRO A 183 -11.61 12.14 16.40
N HIS A 184 -10.67 13.07 16.24
CA HIS A 184 -9.90 13.34 15.00
C HIS A 184 -8.41 13.42 15.24
N CYS A 185 -7.71 13.68 14.15
CA CYS A 185 -6.32 14.08 14.19
C CYS A 185 -6.26 15.56 13.83
N ARG A 186 -5.25 16.22 14.35
CA ARG A 186 -4.97 17.62 14.03
C ARG A 186 -3.48 17.75 13.87
N ILE A 187 -3.01 18.39 12.80
CA ILE A 187 -1.57 18.46 12.56
C ILE A 187 -1.10 19.90 12.39
N LEU A 188 0.19 20.09 12.60
CA LEU A 188 0.80 21.40 12.45
C LEU A 188 2.12 21.19 11.71
N GLY A 189 2.31 21.95 10.64
CA GLY A 189 3.57 21.93 9.92
C GLY A 189 4.22 23.29 9.94
N LYS A 190 5.55 23.32 9.97
CA LYS A 190 6.34 24.56 9.98
C LYS A 190 7.82 24.23 9.69
N PRO A 191 8.65 25.22 9.32
CA PRO A 191 10.03 24.92 8.92
C PRO A 191 10.85 24.24 10.00
N LEU A 192 11.78 23.41 9.56
CA LEU A 192 12.72 22.67 10.40
C LEU A 192 13.33 23.58 11.46
N GLU A 193 13.86 24.71 10.98
CA GLU A 193 14.43 25.76 11.83
C GLU A 193 13.55 26.08 13.03
N GLN A 194 12.24 25.97 12.86
CA GLN A 194 11.30 26.43 13.87
C GLN A 194 10.74 25.34 14.78
N TRP A 195 11.33 24.15 14.80
CA TRP A 195 10.95 23.20 15.84
C TRP A 195 12.07 23.16 16.87
N GLU A 196 11.68 23.25 18.14
CA GLU A 196 12.63 23.16 19.23
C GLU A 196 13.35 21.83 19.15
N ASP A 197 12.57 20.76 19.02
CA ASP A 197 13.12 19.43 18.93
C ASP A 197 13.15 18.98 17.46
N GLY A 198 13.61 19.90 16.62
CA GLY A 198 13.48 19.79 15.17
C GLY A 198 14.28 18.73 14.42
N GLU A 199 15.58 18.66 14.65
CA GLU A 199 16.35 17.61 13.97
C GLU A 199 16.44 16.39 14.88
N ALA A 200 15.73 16.43 16.00
CA ALA A 200 15.43 15.22 16.73
C ALA A 200 14.40 14.46 15.91
N GLU A 201 13.60 15.24 15.17
CA GLU A 201 12.57 14.71 14.28
C GLU A 201 13.13 14.33 12.92
N LEU A 202 14.07 15.13 12.43
CA LEU A 202 14.67 14.91 11.12
C LEU A 202 15.46 13.61 11.07
N ALA A 203 15.88 13.14 12.26
CA ALA A 203 16.63 11.90 12.38
C ALA A 203 15.82 10.70 11.91
N LEU A 204 14.51 10.78 12.12
CA LEU A 204 13.60 9.70 11.72
C LEU A 204 13.11 9.89 10.29
N TYR A 205 13.85 10.70 9.52
CA TYR A 205 13.49 10.97 8.14
C TYR A 205 14.63 10.63 7.19
N GLN A 206 15.36 9.57 7.50
CA GLN A 206 16.49 9.13 6.68
C GLN A 206 16.62 7.61 6.68
N PRO A 207 17.67 7.11 5.90
CA PRO A 207 17.75 5.64 5.93
C PRO A 207 18.83 5.14 6.88
N ASP A 208 18.95 3.83 7.02
CA ASP A 208 19.95 3.24 7.90
C ASP A 208 19.58 3.46 9.37
N ASP B 14 -14.37 -10.32 -18.64
CA ASP B 14 -15.74 -10.60 -18.21
C ASP B 14 -15.96 -10.14 -16.77
N GLY B 15 -15.43 -10.92 -15.83
CA GLY B 15 -15.62 -10.67 -14.42
C GLY B 15 -14.83 -9.47 -13.94
N LEU B 16 -13.81 -9.08 -14.70
CA LEU B 16 -13.04 -7.88 -14.36
C LEU B 16 -13.93 -6.67 -14.27
N SER B 17 -14.93 -6.62 -15.16
CA SER B 17 -15.82 -5.47 -15.25
C SER B 17 -16.84 -5.40 -14.11
N ASN B 18 -17.36 -6.55 -13.70
CA ASN B 18 -18.36 -6.60 -12.64
C ASN B 18 -17.73 -6.56 -11.26
N LEU B 19 -16.51 -7.09 -11.15
CA LEU B 19 -15.76 -7.00 -9.91
C LEU B 19 -15.21 -5.60 -9.67
N ALA B 20 -14.87 -4.88 -10.74
CA ALA B 20 -14.45 -3.48 -10.59
C ALA B 20 -15.56 -2.68 -9.92
N ARG B 21 -16.80 -3.16 -10.07
CA ARG B 21 -17.97 -2.53 -9.48
C ARG B 21 -18.04 -2.78 -7.97
N ARG B 22 -17.11 -3.57 -7.46
CA ARG B 22 -16.99 -3.78 -6.03
C ARG B 22 -16.10 -2.71 -5.39
N LEU B 23 -15.51 -1.87 -6.22
CA LEU B 23 -14.62 -0.81 -5.77
C LEU B 23 -15.35 0.54 -5.67
N ARG B 24 -15.38 1.15 -4.49
CA ARG B 24 -16.02 2.46 -4.31
C ARG B 24 -15.11 3.53 -3.76
N PHE B 25 -15.14 4.71 -4.37
CA PHE B 25 -14.42 5.86 -3.84
C PHE B 25 -15.38 6.72 -3.01
N ALA B 26 -15.10 6.84 -1.72
CA ALA B 26 -15.90 7.62 -0.80
C ALA B 26 -15.11 8.87 -0.40
N MET B 27 -14.98 9.78 -1.34
CA MET B 27 -14.07 10.90 -1.18
C MET B 27 -14.46 11.83 -0.04
N LYS B 28 -15.75 12.07 0.16
CA LYS B 28 -16.16 13.01 1.19
C LYS B 28 -15.95 12.41 2.58
N GLU B 29 -15.65 11.11 2.61
CA GLU B 29 -15.21 10.48 3.85
C GLU B 29 -13.76 10.02 3.74
N GLY B 30 -13.08 10.45 2.67
CA GLY B 30 -11.66 10.19 2.46
C GLY B 30 -11.26 8.73 2.44
N SER B 31 -12.08 7.88 1.84
CA SER B 31 -11.77 6.45 1.88
C SER B 31 -12.08 5.76 0.58
N ILE B 32 -11.49 4.59 0.42
CA ILE B 32 -11.67 3.75 -0.75
C ILE B 32 -12.05 2.38 -0.24
N TRP B 33 -13.06 1.78 -0.88
CA TRP B 33 -13.58 0.51 -0.41
C TRP B 33 -13.59 -0.52 -1.52
N LEU B 34 -13.17 -1.73 -1.17
CA LEU B 34 -13.23 -2.85 -2.07
C LEU B 34 -13.93 -3.96 -1.33
N GLY B 35 -15.17 -4.25 -1.72
CA GLY B 35 -16.03 -5.05 -0.89
C GLY B 35 -16.18 -4.34 0.43
N GLU B 36 -15.92 -5.05 1.52
CA GLU B 36 -15.96 -4.47 2.85
C GLU B 36 -14.61 -3.96 3.35
N GLN B 37 -13.57 -4.09 2.56
CA GLN B 37 -12.24 -3.79 3.07
C GLN B 37 -11.87 -2.36 2.72
N ARG B 38 -11.32 -1.62 3.68
CA ARG B 38 -10.79 -0.31 3.38
C ARG B 38 -9.44 -0.45 2.68
N MET B 39 -9.25 0.31 1.60
CA MET B 39 -8.06 0.29 0.75
C MET B 39 -7.39 1.66 0.72
N ILE B 40 -6.07 1.70 0.47
CA ILE B 40 -5.46 2.96 0.03
C ILE B 40 -4.72 2.80 -1.31
N LEU B 41 -4.68 3.89 -2.07
CA LEU B 41 -3.80 4.01 -3.22
C LEU B 41 -2.41 4.37 -2.75
N LEU B 42 -1.45 3.47 -2.96
CA LEU B 42 -0.09 3.68 -2.48
C LEU B 42 0.88 3.66 -3.66
N HIS B 43 1.82 4.61 -3.68
CA HIS B 43 2.81 4.67 -4.74
C HIS B 43 3.70 3.44 -4.68
N THR B 44 3.95 2.82 -5.83
CA THR B 44 4.84 1.66 -5.83
C THR B 44 6.25 2.08 -5.42
N ALA B 45 6.61 3.32 -5.71
CA ALA B 45 7.90 3.86 -5.30
C ALA B 45 8.05 3.93 -3.79
N ALA B 46 6.96 4.18 -3.07
CA ALA B 46 6.97 4.21 -1.62
C ALA B 46 7.08 2.80 -1.02
N LEU B 47 6.35 1.85 -1.58
CA LEU B 47 6.52 0.46 -1.20
C LEU B 47 7.95 -0.03 -1.47
N GLY B 48 8.51 0.38 -2.61
CA GLY B 48 9.88 0.01 -2.97
C GLY B 48 10.91 0.54 -1.99
N ALA B 49 10.73 1.78 -1.56
CA ALA B 49 11.64 2.37 -0.57
C ALA B 49 11.55 1.58 0.74
N LEU B 50 10.34 1.28 1.18
CA LEU B 50 10.17 0.40 2.33
C LEU B 50 10.87 -0.94 2.14
N ARG B 51 10.66 -1.58 0.99
CA ARG B 51 11.28 -2.88 0.71
C ARG B 51 12.79 -2.79 0.78
N LYS B 52 13.34 -1.73 0.20
CA LYS B 52 14.79 -1.51 0.22
C LYS B 52 15.30 -1.40 1.65
N GLU B 53 14.59 -0.62 2.46
CA GLU B 53 14.99 -0.45 3.85
C GLU B 53 14.88 -1.76 4.62
N LEU B 54 13.84 -2.53 4.36
CA LEU B 54 13.66 -3.81 5.06
C LEU B 54 14.72 -4.79 4.66
N VAL B 55 15.05 -4.85 3.38
CA VAL B 55 16.14 -5.71 2.94
C VAL B 55 17.47 -5.24 3.56
N ASP B 56 17.74 -3.94 3.55
CA ASP B 56 18.96 -3.40 4.19
C ASP B 56 19.03 -3.67 5.69
N THR B 57 17.89 -3.59 6.37
CA THR B 57 17.91 -3.77 7.81
C THR B 57 17.71 -5.22 8.27
N LEU B 58 16.97 -6.03 7.54
CA LEU B 58 16.67 -7.36 8.06
C LEU B 58 17.23 -8.48 7.22
N GLY B 59 17.64 -8.15 6.00
CA GLY B 59 18.14 -9.16 5.09
C GLY B 59 17.01 -9.68 4.22
N MET B 60 17.38 -10.20 3.06
CA MET B 60 16.45 -10.67 2.04
C MET B 60 15.46 -11.71 2.57
N GLU B 61 15.96 -12.65 3.35
CA GLU B 61 15.13 -13.76 3.83
C GLU B 61 14.02 -13.26 4.74
N ARG B 62 14.35 -12.40 5.69
CA ARG B 62 13.34 -11.92 6.63
C ARG B 62 12.37 -10.97 5.94
N ALA B 63 12.88 -10.13 5.04
CA ALA B 63 12.03 -9.25 4.26
C ALA B 63 11.03 -10.05 3.45
N ARG B 64 11.47 -11.19 2.91
CA ARG B 64 10.60 -12.04 2.10
C ARG B 64 9.39 -12.51 2.91
N GLY B 65 9.64 -12.98 4.13
CA GLY B 65 8.55 -13.40 5.02
C GLY B 65 7.56 -12.29 5.31
N LEU B 66 8.07 -11.10 5.64
CA LEU B 66 7.22 -9.95 5.94
C LEU B 66 6.25 -9.64 4.80
N PHE B 67 6.78 -9.56 3.59
CA PHE B 67 5.93 -9.25 2.43
C PHE B 67 4.99 -10.41 2.08
N MET B 68 5.45 -11.66 2.19
CA MET B 68 4.57 -12.79 1.95
C MET B 68 3.39 -12.74 2.91
N ARG B 69 3.64 -12.43 4.16
CA ARG B 69 2.55 -12.38 5.14
C ARG B 69 1.60 -11.20 4.91
N MET B 70 2.14 -10.06 4.49
CA MET B 70 1.31 -8.92 4.10
C MET B 70 0.35 -9.34 3.00
N GLY B 71 0.88 -10.00 1.97
CA GLY B 71 0.07 -10.45 0.84
C GLY B 71 -0.95 -11.48 1.25
N PHE B 72 -0.55 -12.39 2.12
CA PHE B 72 -1.45 -13.41 2.64
C PHE B 72 -2.69 -12.78 3.25
N HIS B 73 -2.49 -11.76 4.08
CA HIS B 73 -3.62 -11.09 4.71
C HIS B 73 -4.53 -10.38 3.70
N SER B 74 -3.93 -9.80 2.67
CA SER B 74 -4.73 -9.25 1.57
C SER B 74 -5.61 -10.29 0.88
N GLY B 75 -4.99 -11.41 0.52
CA GLY B 75 -5.69 -12.44 -0.22
C GLY B 75 -6.84 -13.06 0.58
N VAL B 76 -6.59 -13.32 1.86
CA VAL B 76 -7.60 -13.90 2.73
C VAL B 76 -8.82 -13.00 2.83
N ARG B 77 -8.58 -11.69 2.90
CA ARG B 77 -9.66 -10.72 3.00
C ARG B 77 -10.48 -10.67 1.72
N ASP B 78 -9.80 -10.68 0.58
CA ASP B 78 -10.47 -10.65 -0.71
C ASP B 78 -11.33 -11.89 -0.92
N ALA B 79 -10.91 -13.01 -0.34
CA ALA B 79 -11.64 -14.26 -0.45
C ALA B 79 -13.07 -14.12 0.06
N GLU B 80 -13.22 -13.42 1.18
CA GLU B 80 -14.54 -13.21 1.78
C GLU B 80 -15.42 -12.36 0.89
N LEU B 81 -14.83 -11.31 0.31
CA LEU B 81 -15.57 -10.41 -0.58
C LEU B 81 -16.07 -11.15 -1.81
N ALA B 82 -15.22 -12.00 -2.37
CA ALA B 82 -15.58 -12.77 -3.56
C ALA B 82 -16.68 -13.79 -3.24
N LYS B 83 -16.51 -14.50 -2.12
CA LYS B 83 -17.48 -15.51 -1.71
C LYS B 83 -18.86 -14.90 -1.56
N THR B 84 -18.93 -13.72 -0.95
CA THR B 84 -20.20 -13.02 -0.75
C THR B 84 -21.03 -13.01 -2.02
N MET B 85 -20.36 -12.87 -3.17
CA MET B 85 -21.04 -12.85 -4.45
C MET B 85 -21.06 -14.25 -5.08
N ARG B 86 -21.51 -15.23 -4.31
CA ARG B 86 -21.57 -16.61 -4.78
C ARG B 86 -22.76 -16.81 -5.71
N SER B 87 -23.67 -15.84 -5.74
CA SER B 87 -24.84 -15.92 -6.60
C SER B 87 -24.40 -16.42 -7.97
N GLY B 88 -24.85 -17.61 -8.34
CA GLY B 88 -24.51 -18.21 -9.61
C GLY B 88 -23.04 -18.21 -10.02
N HIS B 89 -22.22 -18.91 -9.23
CA HIS B 89 -20.79 -18.99 -9.51
C HIS B 89 -20.18 -20.32 -9.08
N SER B 90 -19.74 -21.10 -10.06
CA SER B 90 -19.14 -22.40 -9.79
C SER B 90 -17.78 -22.25 -9.11
N ASP B 91 -17.23 -23.36 -8.63
CA ASP B 91 -15.94 -23.35 -7.97
C ASP B 91 -14.90 -22.60 -8.79
N PHE B 92 -15.10 -22.57 -10.10
CA PHE B 92 -14.18 -21.88 -11.00
C PHE B 92 -14.41 -20.36 -10.96
N GLY B 93 -15.68 -19.96 -10.93
CA GLY B 93 -16.03 -18.55 -10.89
C GLY B 93 -15.55 -17.87 -9.62
N MET B 94 -15.68 -18.57 -8.50
CA MET B 94 -15.24 -18.03 -7.21
C MET B 94 -13.73 -17.89 -7.13
N LEU B 95 -13.03 -18.82 -7.78
CA LEU B 95 -11.58 -18.81 -7.79
C LEU B 95 -11.04 -17.72 -8.71
N GLU B 96 -11.77 -17.43 -9.77
CA GLU B 96 -11.38 -16.39 -10.73
C GLU B 96 -11.48 -14.97 -10.22
N MET B 97 -12.29 -14.76 -9.18
CA MET B 97 -12.39 -13.45 -8.58
C MET B 97 -11.02 -13.05 -8.01
N GLY B 98 -10.23 -14.04 -7.60
CA GLY B 98 -8.90 -13.77 -7.06
C GLY B 98 -7.98 -13.06 -8.05
N PRO B 99 -7.64 -13.74 -9.15
CA PRO B 99 -6.88 -13.11 -10.24
C PRO B 99 -7.51 -11.77 -10.67
N CYS B 100 -8.84 -11.71 -10.75
CA CYS B 100 -9.50 -10.46 -11.14
C CYS B 100 -9.26 -9.33 -10.15
N LEU B 101 -9.46 -9.59 -8.86
CA LEU B 101 -9.25 -8.56 -7.85
C LEU B 101 -7.79 -8.10 -7.80
N HIS B 102 -6.87 -9.06 -7.96
CA HIS B 102 -5.45 -8.75 -7.95
C HIS B 102 -5.11 -7.80 -9.10
N THR B 103 -5.82 -7.96 -10.21
CA THR B 103 -5.58 -7.15 -11.40
C THR B 103 -6.18 -5.77 -11.22
N ILE B 104 -7.41 -5.73 -10.71
CA ILE B 104 -8.09 -4.47 -10.42
C ILE B 104 -7.26 -3.65 -9.42
N GLU B 105 -6.58 -4.32 -8.51
CA GLU B 105 -5.76 -3.64 -7.50
C GLU B 105 -4.48 -3.07 -8.08
N GLY B 106 -4.25 -3.33 -9.36
CA GLY B 106 -3.08 -2.81 -10.07
C GLY B 106 -1.78 -3.51 -9.70
N VAL B 107 -1.90 -4.68 -9.09
CA VAL B 107 -0.74 -5.40 -8.60
C VAL B 107 -0.04 -6.15 -9.73
N VAL B 108 -0.84 -6.78 -10.58
CA VAL B 108 -0.32 -7.64 -11.64
C VAL B 108 -1.45 -7.89 -12.66
N ARG B 109 -1.10 -8.25 -13.88
CA ARG B 109 -2.11 -8.61 -14.85
C ARG B 109 -2.09 -10.11 -14.99
N VAL B 110 -3.19 -10.74 -14.60
CA VAL B 110 -3.21 -12.19 -14.45
C VAL B 110 -3.93 -12.84 -15.60
N THR B 111 -3.27 -13.82 -16.22
CA THR B 111 -3.88 -14.69 -17.22
C THR B 111 -3.86 -16.14 -16.74
N PRO B 112 -5.04 -16.66 -16.38
CA PRO B 112 -5.14 -18.08 -15.98
C PRO B 112 -4.73 -19.02 -17.12
N LEU B 113 -3.86 -19.98 -16.82
CA LEU B 113 -3.41 -20.93 -17.83
C LEU B 113 -4.14 -22.27 -17.69
N THR B 114 -4.19 -22.78 -16.46
CA THR B 114 -4.91 -24.00 -16.17
C THR B 114 -5.45 -23.88 -14.76
N VAL B 115 -6.75 -24.07 -14.62
CA VAL B 115 -7.38 -24.04 -13.31
C VAL B 115 -8.20 -25.31 -13.15
N ASP B 116 -7.84 -26.07 -12.14
CA ASP B 116 -8.47 -27.34 -11.84
C ASP B 116 -8.87 -27.25 -10.40
N ILE B 117 -10.16 -27.02 -10.16
CA ILE B 117 -10.65 -26.78 -8.81
C ILE B 117 -11.97 -27.52 -8.51
N ASN B 118 -12.02 -28.16 -7.35
CA ASN B 118 -13.26 -28.65 -6.79
C ASN B 118 -13.17 -28.51 -5.28
N ILE B 119 -13.83 -27.50 -4.74
CA ILE B 119 -13.69 -27.17 -3.33
C ILE B 119 -14.17 -28.31 -2.41
N ALA B 120 -15.32 -28.89 -2.72
CA ALA B 120 -15.86 -30.00 -1.94
C ALA B 120 -14.89 -31.18 -1.89
N ALA B 121 -14.16 -31.39 -2.99
CA ALA B 121 -13.26 -32.53 -3.10
C ALA B 121 -11.83 -32.25 -2.64
N GLY B 122 -11.50 -30.99 -2.35
CA GLY B 122 -10.14 -30.66 -1.96
C GLY B 122 -9.19 -30.68 -3.15
N VAL B 123 -9.73 -30.43 -4.32
CA VAL B 123 -8.97 -30.47 -5.55
C VAL B 123 -8.56 -29.04 -5.91
N TYR B 124 -7.28 -28.80 -6.01
CA TYR B 124 -6.81 -27.54 -6.57
C TYR B 124 -5.47 -27.66 -7.25
N HIS B 125 -5.45 -27.37 -8.54
CA HIS B 125 -4.22 -27.26 -9.29
C HIS B 125 -4.35 -26.04 -10.18
N GLY B 126 -3.53 -25.02 -9.97
CA GLY B 126 -3.69 -23.79 -10.73
C GLY B 126 -2.40 -23.23 -11.24
N GLU B 127 -2.38 -22.87 -12.52
CA GLU B 127 -1.23 -22.23 -13.15
C GLU B 127 -1.66 -20.90 -13.75
N PHE B 128 -0.89 -19.86 -13.46
CA PHE B 128 -1.24 -18.51 -13.92
C PHE B 128 -0.02 -17.81 -14.49
N LEU B 129 -0.28 -16.98 -15.49
CA LEU B 129 0.73 -16.07 -16.04
C LEU B 129 0.58 -14.71 -15.37
N TRP B 130 1.70 -14.13 -14.96
CA TRP B 130 1.71 -12.80 -14.39
C TRP B 130 2.47 -11.83 -15.31
N GLU B 131 1.80 -10.83 -15.85
CA GLU B 131 2.56 -9.78 -16.55
C GLU B 131 2.47 -8.44 -15.85
N ASP B 132 3.58 -7.70 -15.95
CA ASP B 132 3.71 -6.40 -15.31
C ASP B 132 3.54 -6.52 -13.80
N SER B 133 3.99 -7.65 -13.23
CA SER B 133 4.11 -7.73 -11.77
C SER B 133 4.75 -6.46 -11.25
N PHE B 134 4.06 -5.74 -10.38
CA PHE B 134 4.66 -4.51 -9.90
C PHE B 134 5.84 -4.87 -9.02
N GLU B 135 5.76 -6.00 -8.35
CA GLU B 135 6.74 -6.30 -7.34
C GLU B 135 8.08 -6.67 -7.96
N GLY B 136 8.07 -7.55 -8.95
CA GLY B 136 9.31 -7.88 -9.64
C GLY B 136 9.95 -6.68 -10.32
N ASP B 137 9.12 -5.83 -10.93
CA ASP B 137 9.61 -4.67 -11.64
C ASP B 137 10.31 -3.72 -10.64
N VAL B 138 9.61 -3.43 -9.53
CA VAL B 138 10.15 -2.60 -8.46
C VAL B 138 11.44 -3.19 -7.87
N HIS B 139 11.44 -4.49 -7.66
CA HIS B 139 12.58 -5.15 -7.04
C HIS B 139 13.85 -5.01 -7.89
N ARG B 140 13.75 -5.26 -9.20
CA ARG B 140 14.96 -5.24 -10.03
C ARG B 140 15.50 -3.82 -10.23
N GLN B 141 14.62 -2.83 -10.16
CA GLN B 141 15.06 -1.44 -10.25
C GLN B 141 16.00 -1.10 -9.12
N MET B 142 15.83 -1.77 -7.99
CA MET B 142 16.58 -1.40 -6.79
C MET B 142 17.76 -2.29 -6.49
N PHE B 143 17.61 -3.59 -6.72
CA PHE B 143 18.66 -4.54 -6.37
C PHE B 143 19.27 -5.17 -7.61
N GLY B 144 18.75 -4.86 -8.78
CA GLY B 144 19.14 -5.56 -9.98
C GLY B 144 18.55 -6.95 -9.98
N VAL B 145 18.92 -7.77 -10.96
CA VAL B 145 18.31 -9.09 -11.07
C VAL B 145 18.72 -9.99 -9.92
N ALA B 146 17.81 -10.86 -9.52
CA ALA B 146 18.05 -11.78 -8.41
C ALA B 146 18.23 -13.19 -8.93
N GLN B 147 18.55 -14.11 -8.03
CA GLN B 147 18.61 -15.53 -8.39
C GLN B 147 17.29 -16.25 -8.09
N ALA B 148 16.66 -15.92 -6.98
CA ALA B 148 15.36 -16.50 -6.61
C ALA B 148 14.23 -15.56 -7.02
N PRO B 149 13.05 -16.10 -7.38
CA PRO B 149 11.90 -15.24 -7.70
C PRO B 149 11.60 -14.29 -6.56
N VAL B 150 11.02 -13.13 -6.86
CA VAL B 150 10.94 -12.09 -5.84
C VAL B 150 9.56 -11.51 -5.56
N CYS B 151 8.53 -12.01 -6.21
CA CYS B 151 7.21 -11.37 -6.04
C CYS B 151 6.53 -11.92 -4.79
N TRP B 152 7.13 -11.60 -3.64
CA TRP B 152 6.73 -12.12 -2.34
C TRP B 152 5.28 -11.80 -1.94
N MET B 153 4.93 -10.52 -1.98
CA MET B 153 3.58 -10.13 -1.59
C MET B 153 2.54 -10.67 -2.59
N GLN B 154 2.91 -10.73 -3.86
CA GLN B 154 1.96 -11.26 -4.84
C GLN B 154 1.68 -12.75 -4.61
N ILE B 155 2.72 -13.51 -4.29
CA ILE B 155 2.56 -14.93 -4.00
C ILE B 155 1.78 -15.14 -2.72
N GLY B 156 2.02 -14.28 -1.74
CA GLY B 156 1.28 -14.37 -0.50
C GLY B 156 -0.19 -14.17 -0.72
N TYR B 157 -0.54 -13.24 -1.60
CA TYR B 157 -1.94 -13.02 -1.94
C TYR B 157 -2.59 -14.25 -2.55
N ALA B 158 -1.93 -14.82 -3.56
CA ALA B 158 -2.47 -16.00 -4.21
C ALA B 158 -2.68 -17.13 -3.21
N THR B 159 -1.70 -17.31 -2.34
CA THR B 159 -1.76 -18.32 -1.30
C THR B 159 -2.93 -18.06 -0.34
N GLY B 160 -3.04 -16.83 0.15
CA GLY B 160 -4.08 -16.53 1.11
C GLY B 160 -5.47 -16.64 0.51
N TYR B 161 -5.62 -16.13 -0.71
CA TYR B 161 -6.91 -16.13 -1.37
C TYR B 161 -7.40 -17.56 -1.57
N THR B 162 -6.55 -18.38 -2.17
CA THR B 162 -6.98 -19.73 -2.55
C THR B 162 -7.20 -20.61 -1.33
N SER B 163 -6.27 -20.52 -0.38
CA SER B 163 -6.38 -21.26 0.88
C SER B 163 -7.70 -20.96 1.60
N ALA B 164 -8.07 -19.68 1.68
CA ALA B 164 -9.32 -19.31 2.37
C ALA B 164 -10.55 -19.81 1.59
N LEU B 165 -10.44 -19.81 0.27
CA LEU B 165 -11.50 -20.33 -0.60
C LEU B 165 -11.66 -21.84 -0.49
N MET B 166 -10.54 -22.55 -0.39
CA MET B 166 -10.54 -24.01 -0.32
C MET B 166 -10.76 -24.53 1.09
N GLY B 167 -10.41 -23.73 2.08
CA GLY B 167 -10.49 -24.21 3.46
C GLY B 167 -9.43 -25.26 3.72
N LYS B 168 -8.37 -25.21 2.91
CA LYS B 168 -7.18 -26.03 3.11
C LYS B 168 -6.01 -25.25 2.54
N THR B 169 -4.80 -25.61 2.94
CA THR B 169 -3.63 -24.84 2.55
C THR B 169 -3.16 -25.16 1.15
N ILE B 170 -3.19 -24.12 0.33
CA ILE B 170 -2.72 -24.15 -1.03
C ILE B 170 -1.57 -23.15 -1.14
N LEU B 171 -0.37 -23.64 -1.39
CA LEU B 171 0.78 -22.77 -1.56
C LEU B 171 1.02 -22.50 -3.02
N TYR B 172 1.51 -21.29 -3.32
CA TYR B 172 1.96 -20.95 -4.64
C TYR B 172 3.45 -20.68 -4.62
N ARG B 173 4.10 -21.00 -5.73
CA ARG B 173 5.48 -20.61 -6.00
C ARG B 173 5.63 -20.14 -7.44
N GLU B 174 6.59 -19.25 -7.65
CA GLU B 174 6.92 -18.77 -8.98
C GLU B 174 7.88 -19.72 -9.67
N LEU B 175 7.49 -20.16 -10.87
CA LEU B 175 8.36 -20.98 -11.72
C LEU B 175 9.23 -20.06 -12.57
N GLU B 176 8.70 -18.88 -12.87
CA GLU B 176 9.43 -17.85 -13.60
C GLU B 176 9.15 -16.52 -12.91
N CYS B 177 10.08 -15.58 -13.03
CA CYS B 177 9.88 -14.26 -12.42
C CYS B 177 10.62 -13.16 -13.17
N VAL B 178 9.96 -12.01 -13.38
CA VAL B 178 10.60 -10.87 -14.03
C VAL B 178 11.77 -10.32 -13.22
N GLY B 179 11.81 -10.64 -11.94
CA GLY B 179 12.86 -10.17 -11.06
C GLY B 179 14.10 -11.02 -11.25
N CYS B 180 13.96 -12.09 -12.04
CA CYS B 180 15.02 -13.03 -12.34
C CYS B 180 15.51 -12.88 -13.78
N GLY B 181 14.94 -11.90 -14.49
CA GLY B 181 15.32 -11.65 -15.87
C GLY B 181 14.35 -12.24 -16.89
N HIS B 182 13.31 -12.93 -16.41
CA HIS B 182 12.30 -13.47 -17.30
C HIS B 182 11.35 -12.35 -17.72
N PRO B 183 10.76 -12.47 -18.92
CA PRO B 183 9.88 -11.40 -19.39
C PRO B 183 8.53 -11.38 -18.68
N HIS B 184 8.25 -12.44 -17.94
CA HIS B 184 6.96 -12.67 -17.32
C HIS B 184 7.20 -13.40 -16.01
N CYS B 185 6.20 -13.41 -15.13
CA CYS B 185 6.23 -14.33 -14.00
C CYS B 185 5.24 -15.43 -14.29
N ARG B 186 5.46 -16.59 -13.69
CA ARG B 186 4.55 -17.72 -13.86
C ARG B 186 4.49 -18.47 -12.55
N ILE B 187 3.27 -18.80 -12.12
CA ILE B 187 3.06 -19.42 -10.81
C ILE B 187 2.30 -20.72 -10.92
N LEU B 188 2.47 -21.55 -9.90
CA LEU B 188 1.79 -22.81 -9.75
C LEU B 188 1.27 -22.90 -8.32
N GLY B 189 -0.01 -23.23 -8.17
CA GLY B 189 -0.59 -23.38 -6.84
C GLY B 189 -1.11 -24.79 -6.70
N LYS B 190 -0.85 -25.40 -5.55
CA LYS B 190 -1.31 -26.76 -5.28
C LYS B 190 -1.25 -26.98 -3.78
N PRO B 191 -1.92 -28.04 -3.29
CA PRO B 191 -1.90 -28.34 -1.85
C PRO B 191 -0.52 -28.39 -1.22
N LEU B 192 -0.46 -28.06 0.05
CA LEU B 192 0.77 -27.94 0.83
C LEU B 192 1.66 -29.18 0.78
N GLU B 193 1.03 -30.34 0.95
CA GLU B 193 1.72 -31.63 1.01
C GLU B 193 2.52 -31.97 -0.25
N GLN B 194 2.26 -31.26 -1.34
CA GLN B 194 2.87 -31.59 -2.62
C GLN B 194 4.07 -30.69 -2.98
N TRP B 195 4.44 -29.82 -2.06
CA TRP B 195 5.58 -28.94 -2.30
C TRP B 195 6.84 -29.46 -1.62
N GLU B 196 7.96 -29.35 -2.32
CA GLU B 196 9.22 -29.88 -1.82
C GLU B 196 9.49 -29.44 -0.37
N ASP B 197 9.58 -28.15 -0.10
CA ASP B 197 9.80 -27.74 1.28
C ASP B 197 8.57 -27.04 1.83
N GLY B 198 7.43 -27.74 1.74
CA GLY B 198 6.14 -27.17 2.09
C GLY B 198 6.07 -26.64 3.51
N GLU B 199 6.57 -27.43 4.46
CA GLU B 199 6.51 -27.04 5.86
C GLU B 199 7.39 -25.82 6.16
N ALA B 200 8.54 -25.73 5.50
CA ALA B 200 9.39 -24.55 5.61
C ALA B 200 8.65 -23.30 5.11
N GLU B 201 8.01 -23.45 3.96
CA GLU B 201 7.25 -22.36 3.36
C GLU B 201 6.16 -21.91 4.30
N LEU B 202 5.43 -22.87 4.86
CA LEU B 202 4.36 -22.59 5.79
C LEU B 202 4.89 -21.76 6.96
N ALA B 203 6.12 -22.04 7.37
CA ALA B 203 6.74 -21.27 8.44
C ALA B 203 6.89 -19.78 8.07
N LEU B 204 7.04 -19.48 6.79
CA LEU B 204 7.15 -18.10 6.33
C LEU B 204 5.83 -17.33 6.47
N TYR B 205 4.73 -18.07 6.57
CA TYR B 205 3.43 -17.44 6.72
C TYR B 205 2.99 -17.28 8.17
N GLN B 206 3.88 -17.56 9.11
CA GLN B 206 3.58 -17.45 10.53
C GLN B 206 4.59 -16.54 11.23
N PRO B 207 4.22 -16.14 12.53
CA PRO B 207 5.24 -15.27 13.17
C PRO B 207 6.62 -15.92 13.17
N ASP B 208 7.65 -15.12 13.43
CA ASP B 208 9.02 -15.62 13.45
C ASP B 208 9.39 -16.14 14.84
#